data_1KFW
#
_entry.id   1KFW
#
_cell.length_a   114.280
_cell.length_b   114.280
_cell.length_c   102.780
_cell.angle_alpha   90.00
_cell.angle_beta   90.00
_cell.angle_gamma   120.00
#
_symmetry.space_group_name_H-M   'P 32 2 1'
#
loop_
_entity.id
_entity.type
_entity.pdbx_description
1 polymer 'chitinase B'
2 non-polymer GLYCEROL
3 water water
#
_entity_poly.entity_id   1
_entity_poly.type   'polypeptide(L)'
_entity_poly.pdbx_seq_one_letter_code
;PLTSTVNGYRNVGYFAQWGVYGRAFQAKQLDVSGTAKNLTHINYSFGNINNQTLTCFMANKAQGTGPNGSDGAGDAWADF
GMGYAADKSVSGKADTWDQPLAGSFNQLKQLKAKNPKLKVMISLGGWTWSKNFSKAAATEASRQKLVSSCIDLYIKGNLP
NFEGRGGAGAAAGIFDGIDIDWEWPGTNSGLAGNGVDTVNDRANFKALLAEFRKQLDAYGSTNNKKYVLSAFLPANPADI
DAGGWDDPANFKSLDFGSIQGYDLHGAWNPTLTGHQANLYDDPADPRAPSKKFSADKAVKKYLAAGIDPKQLGLGLAAYG
RGWTGAKNVSPWGPATDGAPGTYETANEDYDKLKTLGTDHYDAATGSAWRYDGTQWWSYDNIATTKQKTDYIVSKGLGGG
MWWELSGDRNGELVGAMSDKFRAAAPGPVTEAAPP
;
_entity_poly.pdbx_strand_id   A
#
# COMPACT_ATOMS: atom_id res chain seq x y z
N PRO A 1 5.07 21.41 16.94
CA PRO A 1 5.88 20.92 15.80
C PRO A 1 4.99 20.27 14.74
N LEU A 2 5.33 20.47 13.47
CA LEU A 2 4.56 19.91 12.38
C LEU A 2 4.64 18.39 12.40
N THR A 3 3.49 17.73 12.27
CA THR A 3 3.46 16.28 12.25
C THR A 3 2.87 15.79 10.94
N SER A 4 3.23 14.56 10.56
CA SER A 4 2.71 14.00 9.32
C SER A 4 1.38 13.34 9.65
N THR A 5 0.41 14.18 9.98
CA THR A 5 -0.93 13.73 10.32
C THR A 5 -1.97 14.77 9.95
N VAL A 6 -3.22 14.35 10.02
CA VAL A 6 -4.37 15.18 9.72
C VAL A 6 -5.05 15.13 11.10
N ASN A 7 -4.82 16.16 11.89
CA ASN A 7 -5.39 16.24 13.24
C ASN A 7 -5.05 14.99 14.06
N GLY A 8 -3.79 14.55 13.96
CA GLY A 8 -3.35 13.38 14.71
C GLY A 8 -3.61 12.01 14.12
N TYR A 9 -4.07 11.95 12.89
CA TYR A 9 -4.36 10.68 12.22
C TYR A 9 -3.61 10.59 10.92
N ARG A 10 -3.21 9.38 10.53
CA ARG A 10 -2.50 9.19 9.27
C ARG A 10 -3.53 8.87 8.19
N ASN A 11 -3.18 9.22 6.96
CA ASN A 11 -4.06 8.94 5.82
C ASN A 11 -3.01 8.62 4.75
N VAL A 12 -2.69 7.34 4.66
CA VAL A 12 -1.71 6.80 3.73
C VAL A 12 -2.28 6.40 2.38
N GLY A 13 -1.59 6.79 1.31
CA GLY A 13 -2.08 6.43 -0.02
C GLY A 13 -1.02 5.77 -0.87
N TYR A 14 -1.36 4.63 -1.47
CA TYR A 14 -0.41 3.92 -2.31
C TYR A 14 -0.42 4.54 -3.71
N PHE A 15 0.78 4.76 -4.27
CA PHE A 15 0.91 5.33 -5.60
C PHE A 15 1.55 4.21 -6.44
N ALA A 16 0.83 3.78 -7.47
CA ALA A 16 1.33 2.71 -8.33
C ALA A 16 2.32 3.17 -9.38
N GLN A 17 3.48 2.51 -9.39
CA GLN A 17 4.55 2.83 -10.34
C GLN A 17 4.05 2.75 -11.78
N TRP A 18 3.30 1.69 -12.07
CA TRP A 18 2.73 1.46 -13.40
C TRP A 18 1.55 2.34 -13.79
N GLY A 19 0.99 3.06 -12.82
CA GLY A 19 -0.15 3.92 -13.12
C GLY A 19 0.09 5.08 -14.06
N VAL A 20 1.35 5.46 -14.26
CA VAL A 20 1.68 6.57 -15.14
C VAL A 20 1.52 6.26 -16.62
N TYR A 21 1.37 4.98 -16.95
CA TYR A 21 1.22 4.55 -18.33
C TYR A 21 -0.24 4.55 -18.82
N GLY A 22 -0.80 3.37 -19.03
CA GLY A 22 -2.17 3.27 -19.50
C GLY A 22 -3.20 4.04 -18.70
N ARG A 23 -3.13 3.94 -17.38
CA ARG A 23 -4.06 4.64 -16.51
C ARG A 23 -3.84 6.15 -16.55
N ALA A 24 -2.65 6.53 -17.03
CA ALA A 24 -2.29 7.95 -17.13
C ALA A 24 -2.51 8.73 -15.84
N PHE A 25 -2.16 8.11 -14.72
CA PHE A 25 -2.31 8.76 -13.42
C PHE A 25 -0.94 9.17 -12.93
N GLN A 26 -0.70 10.47 -12.89
CA GLN A 26 0.58 11.02 -12.46
C GLN A 26 0.42 11.91 -11.23
N ALA A 27 1.53 12.17 -10.54
CA ALA A 27 1.54 12.99 -9.34
C ALA A 27 0.80 14.32 -9.46
N LYS A 28 0.82 14.94 -10.64
CA LYS A 28 0.13 16.21 -10.82
C LYS A 28 -1.34 16.17 -10.41
N GLN A 29 -2.02 15.07 -10.73
CA GLN A 29 -3.44 14.94 -10.38
C GLN A 29 -3.68 15.03 -8.88
N LEU A 30 -2.73 14.55 -8.09
CA LEU A 30 -2.85 14.59 -6.63
C LEU A 30 -2.81 16.04 -6.16
N ASP A 31 -2.07 16.87 -6.88
CA ASP A 31 -1.96 18.28 -6.52
C ASP A 31 -3.20 19.08 -6.92
N VAL A 32 -3.50 19.10 -8.22
CA VAL A 32 -4.65 19.84 -8.71
C VAL A 32 -6.01 19.43 -8.16
N SER A 33 -6.14 18.18 -7.73
CA SER A 33 -7.39 17.68 -7.17
C SER A 33 -7.57 18.02 -5.70
N GLY A 34 -6.46 18.36 -5.05
CA GLY A 34 -6.51 18.69 -3.63
C GLY A 34 -6.35 17.44 -2.78
N THR A 35 -6.20 16.29 -3.43
CA THR A 35 -6.05 15.03 -2.71
C THR A 35 -4.79 14.97 -1.85
N ALA A 36 -3.68 15.48 -2.37
CA ALA A 36 -2.42 15.46 -1.62
C ALA A 36 -2.52 16.20 -0.28
N LYS A 37 -3.34 17.25 -0.23
CA LYS A 37 -3.49 18.02 0.99
C LYS A 37 -4.17 17.18 2.08
N ASN A 38 -4.85 16.11 1.66
CA ASN A 38 -5.52 15.24 2.61
C ASN A 38 -4.75 13.96 2.94
N LEU A 39 -3.55 13.82 2.38
CA LEU A 39 -2.71 12.65 2.63
C LEU A 39 -1.57 13.02 3.56
N THR A 40 -1.04 12.02 4.28
CA THR A 40 0.06 12.24 5.20
C THR A 40 1.28 11.45 4.73
N HIS A 41 1.03 10.33 4.05
CA HIS A 41 2.08 9.47 3.55
C HIS A 41 1.69 8.87 2.20
N ILE A 42 2.66 8.76 1.30
CA ILE A 42 2.41 8.18 -0.02
C ILE A 42 3.39 7.03 -0.12
N ASN A 43 2.86 5.82 -0.32
CA ASN A 43 3.72 4.63 -0.45
C ASN A 43 3.97 4.40 -1.93
N TYR A 44 5.22 4.55 -2.37
CA TYR A 44 5.53 4.32 -3.78
C TYR A 44 5.64 2.82 -3.99
N SER A 45 4.81 2.27 -4.86
CA SER A 45 4.81 0.82 -5.13
C SER A 45 5.31 0.50 -6.53
N PHE A 46 6.37 -0.30 -6.66
CA PHE A 46 7.12 -0.90 -5.56
C PHE A 46 8.60 -0.97 -5.90
N GLY A 47 9.36 -1.53 -4.97
CA GLY A 47 10.79 -1.72 -5.11
C GLY A 47 10.85 -3.24 -5.14
N ASN A 48 11.67 -3.81 -6.02
CA ASN A 48 11.81 -5.26 -6.13
C ASN A 48 13.06 -5.73 -5.40
N ILE A 49 13.15 -7.03 -5.16
CA ILE A 49 14.30 -7.62 -4.48
C ILE A 49 14.91 -8.54 -5.53
N ASN A 50 16.20 -8.36 -5.82
CA ASN A 50 16.86 -9.18 -6.82
C ASN A 50 17.00 -10.65 -6.42
N ASN A 51 16.55 -11.53 -7.30
CA ASN A 51 16.61 -12.97 -7.05
C ASN A 51 18.04 -13.52 -6.97
N GLN A 52 18.96 -12.85 -7.66
CA GLN A 52 20.35 -13.29 -7.67
C GLN A 52 21.21 -12.72 -6.54
N THR A 53 21.10 -11.41 -6.31
CA THR A 53 21.88 -10.76 -5.26
C THR A 53 21.15 -10.56 -3.93
N LEU A 54 19.84 -10.78 -3.94
CA LEU A 54 19.02 -10.64 -2.73
C LEU A 54 19.17 -9.25 -2.12
N THR A 55 19.12 -8.24 -2.97
CA THR A 55 19.24 -6.84 -2.56
C THR A 55 18.25 -5.99 -3.31
N CYS A 56 18.08 -4.75 -2.84
CA CYS A 56 17.17 -3.83 -3.51
C CYS A 56 17.99 -3.45 -4.73
N PHE A 57 17.32 -3.13 -5.83
CA PHE A 57 18.05 -2.76 -7.04
C PHE A 57 17.19 -1.93 -7.97
N MET A 58 17.83 -1.43 -9.02
CA MET A 58 17.15 -0.60 -10.00
C MET A 58 17.49 -1.17 -11.38
N ALA A 59 16.46 -1.59 -12.10
CA ALA A 59 16.64 -2.16 -13.44
C ALA A 59 15.48 -1.76 -14.33
N ASN A 60 15.62 -2.05 -15.62
CA ASN A 60 14.57 -1.73 -16.58
C ASN A 60 14.28 -3.03 -17.32
N LYS A 61 13.44 -3.86 -16.69
CA LYS A 61 13.07 -5.15 -17.26
C LYS A 61 11.62 -5.45 -16.94
N ALA A 62 10.83 -5.77 -17.95
CA ALA A 62 9.42 -6.07 -17.75
C ALA A 62 9.13 -7.30 -16.90
N GLN A 63 8.05 -7.20 -16.12
CA GLN A 63 7.63 -8.30 -15.26
C GLN A 63 7.05 -9.30 -16.26
N GLY A 64 7.49 -10.55 -16.19
CA GLY A 64 6.98 -11.55 -17.11
C GLY A 64 6.01 -12.47 -16.39
N THR A 65 5.82 -13.67 -16.92
CA THR A 65 4.90 -14.62 -16.29
C THR A 65 5.71 -15.88 -15.98
N GLY A 66 5.06 -16.87 -15.39
CA GLY A 66 5.77 -18.09 -15.06
C GLY A 66 6.51 -17.92 -13.75
N PRO A 67 7.15 -18.97 -13.25
CA PRO A 67 7.89 -18.89 -11.98
C PRO A 67 9.07 -17.92 -11.94
N ASN A 68 9.57 -17.50 -13.09
CA ASN A 68 10.70 -16.58 -13.12
C ASN A 68 10.37 -15.18 -13.64
N GLY A 69 9.08 -14.90 -13.81
CA GLY A 69 8.68 -13.59 -14.30
C GLY A 69 9.18 -12.36 -13.55
N SER A 70 9.32 -12.48 -12.23
CA SER A 70 9.79 -11.35 -11.44
C SER A 70 11.30 -11.23 -11.31
N ASP A 71 12.04 -12.20 -11.83
CA ASP A 71 13.50 -12.16 -11.74
C ASP A 71 14.10 -10.94 -12.42
N GLY A 72 14.69 -10.06 -11.61
CA GLY A 72 15.31 -8.86 -12.14
C GLY A 72 14.36 -7.82 -12.71
N ALA A 73 13.06 -7.99 -12.48
CA ALA A 73 12.07 -7.06 -12.99
C ALA A 73 12.14 -5.68 -12.32
N GLY A 74 11.89 -4.64 -13.10
CA GLY A 74 11.93 -3.29 -12.56
C GLY A 74 11.60 -2.26 -13.61
N ASP A 75 11.29 -1.04 -13.17
CA ASP A 75 10.97 0.03 -14.11
C ASP A 75 11.65 1.33 -13.74
N ALA A 76 12.97 1.37 -13.98
CA ALA A 76 13.76 2.56 -13.68
C ALA A 76 13.23 3.75 -14.49
N TRP A 77 12.66 3.46 -15.65
CA TRP A 77 12.12 4.52 -16.51
C TRP A 77 11.00 5.26 -15.79
N ALA A 78 9.99 4.54 -15.31
CA ALA A 78 8.89 5.17 -14.61
C ALA A 78 9.36 5.82 -13.32
N ASP A 79 10.28 5.15 -12.62
CA ASP A 79 10.83 5.64 -11.36
C ASP A 79 11.57 6.97 -11.43
N PHE A 80 12.60 7.05 -12.26
CA PHE A 80 13.35 8.32 -12.35
C PHE A 80 13.87 8.72 -13.73
N GLY A 81 13.58 7.94 -14.76
CA GLY A 81 14.06 8.31 -16.09
C GLY A 81 13.13 9.13 -16.96
N MET A 82 11.85 8.79 -16.94
CA MET A 82 10.82 9.47 -17.72
C MET A 82 10.75 10.99 -17.55
N GLY A 83 10.85 11.71 -18.66
CA GLY A 83 10.79 13.16 -18.60
C GLY A 83 9.38 13.69 -18.69
N TYR A 84 9.07 14.69 -17.86
CA TYR A 84 7.74 15.29 -17.84
C TYR A 84 7.70 16.68 -18.47
N ALA A 85 6.69 16.92 -19.31
CA ALA A 85 6.54 18.20 -19.98
C ALA A 85 5.98 19.19 -18.96
N ALA A 86 6.12 20.49 -19.24
CA ALA A 86 5.63 21.52 -18.34
C ALA A 86 4.13 21.42 -18.03
N ASP A 87 3.35 20.96 -19.00
CA ASP A 87 1.91 20.82 -18.82
C ASP A 87 1.50 19.51 -18.15
N LYS A 88 2.47 18.69 -17.75
CA LYS A 88 2.17 17.42 -17.11
C LYS A 88 2.82 17.29 -15.73
N SER A 89 3.73 18.19 -15.40
CA SER A 89 4.42 18.15 -14.12
C SER A 89 3.68 18.84 -12.98
N VAL A 90 4.07 18.49 -11.75
CA VAL A 90 3.46 19.06 -10.57
C VAL A 90 3.87 20.54 -10.46
N SER A 91 5.15 20.81 -10.71
CA SER A 91 5.67 22.18 -10.63
C SER A 91 5.21 23.09 -11.76
N GLY A 92 4.82 22.51 -12.88
CA GLY A 92 4.37 23.32 -14.00
C GLY A 92 5.53 23.61 -14.94
N LYS A 93 6.70 23.09 -14.60
CA LYS A 93 7.90 23.28 -15.40
C LYS A 93 8.34 21.91 -15.94
N ALA A 94 8.92 21.90 -17.12
CA ALA A 94 9.38 20.65 -17.73
C ALA A 94 10.71 20.18 -17.15
N ASP A 95 10.93 18.87 -17.18
CA ASP A 95 12.17 18.32 -16.66
C ASP A 95 13.25 18.78 -17.64
N THR A 96 14.36 19.27 -17.11
CA THR A 96 15.45 19.74 -17.95
C THR A 96 16.55 18.70 -18.08
N TRP A 97 17.37 18.84 -19.11
CA TRP A 97 18.46 17.91 -19.36
C TRP A 97 19.43 17.78 -18.19
N ASP A 98 19.62 18.87 -17.47
CA ASP A 98 20.53 18.90 -16.33
C ASP A 98 20.06 18.18 -15.06
N GLN A 99 18.80 17.78 -15.02
CA GLN A 99 18.28 17.08 -13.84
C GLN A 99 18.73 15.63 -13.73
N PRO A 100 19.40 15.28 -12.62
CA PRO A 100 19.83 13.90 -12.46
C PRO A 100 18.62 13.03 -12.09
N LEU A 101 17.53 13.70 -11.72
CA LEU A 101 16.31 12.99 -11.34
C LEU A 101 15.07 13.43 -12.10
N ALA A 102 14.35 12.45 -12.65
CA ALA A 102 13.13 12.72 -13.40
C ALA A 102 12.14 11.65 -12.95
N GLY A 103 11.26 11.21 -13.84
CA GLY A 103 10.28 10.20 -13.47
C GLY A 103 9.36 10.58 -12.33
N SER A 104 8.68 9.58 -11.76
CA SER A 104 7.76 9.84 -10.65
C SER A 104 8.48 10.25 -9.37
N PHE A 105 9.74 9.86 -9.24
CA PHE A 105 10.50 10.23 -8.05
C PHE A 105 10.58 11.75 -7.98
N ASN A 106 10.89 12.38 -9.11
CA ASN A 106 11.00 13.83 -9.13
C ASN A 106 9.61 14.48 -9.00
N GLN A 107 8.59 13.83 -9.56
CA GLN A 107 7.25 14.38 -9.48
C GLN A 107 6.76 14.39 -8.03
N LEU A 108 7.11 13.34 -7.29
CA LEU A 108 6.70 13.25 -5.90
C LEU A 108 7.52 14.26 -5.09
N LYS A 109 8.75 14.51 -5.53
CA LYS A 109 9.62 15.46 -4.85
C LYS A 109 8.94 16.83 -4.98
N GLN A 110 8.39 17.12 -6.15
CA GLN A 110 7.71 18.39 -6.39
C GLN A 110 6.43 18.47 -5.57
N LEU A 111 5.78 17.33 -5.36
CA LEU A 111 4.55 17.30 -4.58
C LEU A 111 4.86 17.59 -3.11
N LYS A 112 5.98 17.04 -2.62
CA LYS A 112 6.37 17.26 -1.23
C LYS A 112 6.67 18.74 -1.03
N ALA A 113 7.19 19.39 -2.07
CA ALA A 113 7.52 20.80 -2.00
C ALA A 113 6.28 21.68 -1.80
N LYS A 114 5.10 21.12 -2.07
CA LYS A 114 3.86 21.87 -1.91
C LYS A 114 3.06 21.38 -0.71
N ASN A 115 3.58 20.36 -0.02
CA ASN A 115 2.92 19.77 1.15
C ASN A 115 3.96 19.43 2.22
N PRO A 116 4.31 20.42 3.06
CA PRO A 116 5.29 20.20 4.11
C PRO A 116 5.09 19.02 5.07
N LYS A 117 3.85 18.59 5.29
CA LYS A 117 3.60 17.47 6.20
C LYS A 117 3.64 16.11 5.51
N LEU A 118 3.66 16.12 4.18
CA LEU A 118 3.68 14.89 3.40
C LEU A 118 4.98 14.09 3.32
N LYS A 119 4.88 12.80 3.60
CA LYS A 119 6.04 11.91 3.55
C LYS A 119 5.87 10.97 2.37
N VAL A 120 6.99 10.48 1.86
CA VAL A 120 6.98 9.55 0.73
C VAL A 120 7.77 8.35 1.20
N MET A 121 7.16 7.18 1.11
CA MET A 121 7.79 5.94 1.52
C MET A 121 8.00 5.03 0.32
N ILE A 122 9.00 4.16 0.40
CA ILE A 122 9.24 3.23 -0.70
C ILE A 122 8.71 1.90 -0.19
N SER A 123 7.75 1.33 -0.90
CA SER A 123 7.18 0.05 -0.51
C SER A 123 7.94 -1.05 -1.23
N LEU A 124 8.49 -1.97 -0.46
CA LEU A 124 9.24 -3.08 -1.02
C LEU A 124 8.40 -4.34 -1.11
N GLY A 125 8.45 -4.99 -2.26
CA GLY A 125 7.69 -6.21 -2.43
C GLY A 125 6.35 -6.09 -3.14
N GLY A 126 5.30 -6.45 -2.40
CA GLY A 126 3.97 -6.39 -2.97
C GLY A 126 3.60 -7.82 -3.34
N TRP A 127 2.38 -8.02 -3.81
CA TRP A 127 1.93 -9.35 -4.20
C TRP A 127 2.78 -10.04 -5.28
N THR A 128 3.20 -9.26 -6.26
CA THR A 128 3.99 -9.78 -7.37
C THR A 128 5.51 -9.89 -7.15
N TRP A 129 6.05 -9.08 -6.24
CA TRP A 129 7.48 -9.09 -5.97
C TRP A 129 7.90 -9.54 -4.57
N SER A 130 7.29 -10.61 -4.07
CA SER A 130 7.60 -11.11 -2.72
C SER A 130 8.37 -12.43 -2.75
N LYS A 131 8.68 -12.91 -3.94
CA LYS A 131 9.41 -14.18 -4.09
C LYS A 131 10.73 -14.36 -3.35
N ASN A 132 11.54 -13.31 -3.26
CA ASN A 132 12.83 -13.40 -2.60
C ASN A 132 13.04 -12.97 -1.16
N PHE A 133 11.98 -12.60 -0.46
CA PHE A 133 12.09 -12.17 0.93
C PHE A 133 12.63 -13.27 1.86
N SER A 134 12.09 -14.48 1.70
CA SER A 134 12.51 -15.60 2.55
C SER A 134 14.02 -15.83 2.51
N LYS A 135 14.59 -15.93 1.32
CA LYS A 135 16.03 -16.15 1.19
C LYS A 135 16.84 -14.95 1.65
N ALA A 136 16.36 -13.75 1.34
CA ALA A 136 17.07 -12.53 1.72
C ALA A 136 17.12 -12.34 3.23
N ALA A 137 16.13 -12.87 3.94
CA ALA A 137 16.08 -12.73 5.39
C ALA A 137 16.66 -13.94 6.14
N ALA A 138 17.15 -14.92 5.39
CA ALA A 138 17.71 -16.14 5.97
C ALA A 138 18.82 -16.02 7.03
N THR A 139 19.80 -15.18 6.80
CA THR A 139 20.89 -15.03 7.77
C THR A 139 21.19 -13.60 8.17
N GLU A 140 22.02 -13.44 9.20
CA GLU A 140 22.38 -12.13 9.67
C GLU A 140 23.10 -11.39 8.53
N ALA A 141 23.92 -12.13 7.78
CA ALA A 141 24.65 -11.55 6.67
C ALA A 141 23.72 -11.12 5.55
N SER A 142 22.78 -11.99 5.17
CA SER A 142 21.84 -11.65 4.10
C SER A 142 20.93 -10.50 4.50
N ARG A 143 20.52 -10.47 5.76
CA ARG A 143 19.64 -9.40 6.23
C ARG A 143 20.38 -8.07 6.21
N GLN A 144 21.64 -8.07 6.65
CA GLN A 144 22.44 -6.85 6.66
C GLN A 144 22.63 -6.33 5.24
N LYS A 145 22.90 -7.23 4.31
CA LYS A 145 23.11 -6.87 2.91
C LYS A 145 21.86 -6.27 2.27
N LEU A 146 20.71 -6.91 2.51
CA LEU A 146 19.46 -6.41 1.94
C LEU A 146 19.14 -5.01 2.46
N VAL A 147 19.12 -4.87 3.78
CA VAL A 147 18.82 -3.58 4.39
C VAL A 147 19.77 -2.48 3.90
N SER A 148 21.05 -2.77 3.88
N SER A 148 21.05 -2.77 3.88
CA SER A 148 22.05 -1.80 3.43
CA SER A 148 22.05 -1.80 3.43
C SER A 148 21.79 -1.35 2.00
C SER A 148 21.79 -1.35 2.00
N SER A 149 21.50 -2.30 1.11
CA SER A 149 21.24 -1.99 -0.28
C SER A 149 20.00 -1.12 -0.49
N CYS A 150 18.96 -1.37 0.29
CA CYS A 150 17.72 -0.61 0.18
C CYS A 150 17.89 0.82 0.69
N ILE A 151 18.64 0.99 1.77
CA ILE A 151 18.85 2.31 2.32
C ILE A 151 19.76 3.11 1.36
N ASP A 152 20.76 2.44 0.81
CA ASP A 152 21.67 3.11 -0.11
C ASP A 152 20.94 3.59 -1.37
N LEU A 153 20.07 2.75 -1.90
CA LEU A 153 19.32 3.09 -3.10
C LEU A 153 18.21 4.13 -2.91
N TYR A 154 17.30 3.85 -1.98
CA TYR A 154 16.19 4.75 -1.73
C TYR A 154 16.35 5.87 -0.70
N ILE A 155 16.96 5.56 0.44
CA ILE A 155 17.14 6.57 1.48
C ILE A 155 18.26 7.56 1.17
N LYS A 156 19.43 7.05 0.81
CA LYS A 156 20.55 7.93 0.49
C LYS A 156 20.26 8.50 -0.90
N GLY A 157 19.47 7.76 -1.67
CA GLY A 157 19.11 8.19 -3.00
C GLY A 157 20.14 7.95 -4.08
N ASN A 158 21.01 6.97 -3.89
CA ASN A 158 22.05 6.66 -4.89
C ASN A 158 21.46 5.79 -5.99
N LEU A 159 21.23 6.39 -7.15
CA LEU A 159 20.67 5.68 -8.29
C LEU A 159 21.72 5.41 -9.37
N PRO A 160 21.54 4.32 -10.14
CA PRO A 160 22.49 3.99 -11.20
C PRO A 160 22.26 4.92 -12.39
N ASN A 161 23.24 5.01 -13.28
CA ASN A 161 23.12 5.87 -14.46
C ASN A 161 22.12 5.20 -15.41
N PHE A 162 21.13 5.96 -15.85
CA PHE A 162 20.12 5.42 -16.75
C PHE A 162 19.44 6.51 -17.57
N GLU A 163 19.45 6.35 -18.90
CA GLU A 163 18.83 7.33 -19.79
C GLU A 163 19.15 8.78 -19.47
N GLY A 164 20.42 9.07 -19.20
CA GLY A 164 20.82 10.44 -18.90
C GLY A 164 20.43 10.94 -17.52
N ARG A 165 20.03 10.03 -16.64
CA ARG A 165 19.63 10.41 -15.29
C ARG A 165 20.36 9.49 -14.30
N GLY A 166 20.12 9.72 -13.01
CA GLY A 166 20.76 8.90 -12.00
C GLY A 166 22.02 9.48 -11.41
N GLY A 167 22.68 8.69 -10.57
CA GLY A 167 23.90 9.12 -9.93
C GLY A 167 23.79 9.18 -8.42
N ALA A 168 24.93 9.36 -7.76
CA ALA A 168 24.96 9.43 -6.31
C ALA A 168 24.09 10.57 -5.80
N GLY A 169 23.24 10.28 -4.81
CA GLY A 169 22.36 11.28 -4.25
C GLY A 169 21.29 11.85 -5.16
N ALA A 170 21.08 11.23 -6.31
CA ALA A 170 20.07 11.73 -7.25
C ALA A 170 18.68 11.86 -6.61
N ALA A 171 18.31 10.89 -5.78
CA ALA A 171 17.01 10.91 -5.13
C ALA A 171 17.07 11.30 -3.65
N ALA A 172 18.14 11.98 -3.25
CA ALA A 172 18.31 12.40 -1.87
C ALA A 172 17.14 13.22 -1.32
N GLY A 173 16.81 12.97 -0.06
CA GLY A 173 15.73 13.67 0.62
C GLY A 173 14.29 13.34 0.31
N ILE A 174 14.04 12.62 -0.78
CA ILE A 174 12.68 12.26 -1.15
C ILE A 174 12.00 11.23 -0.28
N PHE A 175 12.67 10.11 -0.02
CA PHE A 175 12.08 9.06 0.80
C PHE A 175 12.32 9.24 2.29
N ASP A 176 11.21 9.28 3.04
CA ASP A 176 11.24 9.46 4.49
C ASP A 176 11.18 8.14 5.25
N GLY A 177 11.10 7.03 4.53
CA GLY A 177 11.04 5.75 5.19
C GLY A 177 10.84 4.61 4.23
N ILE A 178 10.76 3.41 4.79
CA ILE A 178 10.57 2.18 4.02
C ILE A 178 9.35 1.44 4.52
N ASP A 179 8.53 0.96 3.57
CA ASP A 179 7.32 0.20 3.89
C ASP A 179 7.57 -1.21 3.39
N ILE A 180 7.44 -2.19 4.27
CA ILE A 180 7.66 -3.60 3.92
C ILE A 180 6.38 -4.34 3.56
N ASP A 181 6.31 -4.84 2.32
CA ASP A 181 5.13 -5.56 1.86
C ASP A 181 5.45 -6.99 1.43
N TRP A 182 5.85 -7.82 2.39
CA TRP A 182 6.17 -9.22 2.13
C TRP A 182 4.86 -9.99 2.26
N GLU A 183 4.36 -10.51 1.14
CA GLU A 183 3.11 -11.26 1.15
C GLU A 183 3.32 -12.71 0.71
N TRP A 184 3.47 -13.65 1.66
CA TRP A 184 3.45 -13.41 3.11
C TRP A 184 4.48 -14.33 3.74
N PRO A 185 5.17 -13.88 4.79
CA PRO A 185 6.17 -14.73 5.43
C PRO A 185 5.64 -15.93 6.21
N GLY A 186 6.36 -17.04 6.14
CA GLY A 186 5.97 -18.25 6.85
C GLY A 186 4.76 -19.04 6.39
N THR A 187 4.20 -18.69 5.23
CA THR A 187 3.04 -19.39 4.71
C THR A 187 3.03 -19.33 3.19
N ASN A 188 2.35 -20.28 2.55
CA ASN A 188 2.29 -20.30 1.11
C ASN A 188 0.97 -19.71 0.60
N SER A 189 0.39 -18.81 1.39
CA SER A 189 -0.86 -18.17 1.02
C SER A 189 -0.64 -17.07 -0.02
N GLY A 190 0.62 -16.68 -0.19
CA GLY A 190 0.93 -15.64 -1.15
C GLY A 190 0.99 -16.23 -2.55
N LEU A 191 1.61 -15.50 -3.47
CA LEU A 191 1.74 -15.97 -4.84
C LEU A 191 2.48 -17.30 -4.87
N ALA A 192 1.97 -18.24 -5.66
CA ALA A 192 2.63 -19.55 -5.75
C ALA A 192 4.05 -19.35 -6.25
N GLY A 193 5.00 -20.08 -5.68
CA GLY A 193 6.38 -19.94 -6.10
C GLY A 193 7.25 -19.09 -5.20
N ASN A 194 6.64 -18.30 -4.32
CA ASN A 194 7.41 -17.44 -3.43
C ASN A 194 8.28 -18.31 -2.54
N GLY A 195 9.40 -17.76 -2.09
CA GLY A 195 10.28 -18.52 -1.22
C GLY A 195 9.51 -18.57 0.08
N VAL A 196 9.47 -19.74 0.71
CA VAL A 196 8.74 -19.87 1.98
C VAL A 196 9.42 -20.84 2.94
N ASP A 197 9.54 -20.43 4.19
CA ASP A 197 10.16 -21.26 5.22
C ASP A 197 9.17 -21.19 6.38
N THR A 198 8.25 -22.15 6.42
CA THR A 198 7.24 -22.20 7.47
C THR A 198 7.82 -22.33 8.87
N VAL A 199 9.08 -22.73 8.96
CA VAL A 199 9.73 -22.88 10.25
C VAL A 199 10.52 -21.67 10.73
N ASN A 200 11.28 -21.05 9.83
CA ASN A 200 12.09 -19.90 10.19
C ASN A 200 11.70 -18.50 9.71
N ASP A 201 10.79 -18.39 8.73
CA ASP A 201 10.40 -17.06 8.25
C ASP A 201 9.97 -16.10 9.36
N ARG A 202 9.17 -16.58 10.31
CA ARG A 202 8.72 -15.72 11.40
C ARG A 202 9.86 -15.08 12.18
N ALA A 203 10.81 -15.87 12.62
CA ALA A 203 11.95 -15.36 13.38
C ALA A 203 12.87 -14.53 12.49
N ASN A 204 13.06 -14.96 11.25
CA ASN A 204 13.93 -14.24 10.32
C ASN A 204 13.33 -12.87 9.97
N PHE A 205 12.00 -12.82 9.85
CA PHE A 205 11.32 -11.58 9.52
C PHE A 205 11.45 -10.61 10.69
N LYS A 206 11.30 -11.11 11.91
CA LYS A 206 11.42 -10.26 13.09
C LYS A 206 12.83 -9.66 13.08
N ALA A 207 13.81 -10.49 12.76
CA ALA A 207 15.20 -10.04 12.72
C ALA A 207 15.41 -9.04 11.59
N LEU A 208 14.74 -9.26 10.46
CA LEU A 208 14.87 -8.36 9.31
C LEU A 208 14.34 -6.97 9.66
N LEU A 209 13.16 -6.91 10.27
CA LEU A 209 12.58 -5.63 10.63
C LEU A 209 13.47 -4.91 11.64
N ALA A 210 14.10 -5.68 12.54
CA ALA A 210 14.97 -5.09 13.54
C ALA A 210 16.21 -4.50 12.88
N GLU A 211 16.70 -5.16 11.82
CA GLU A 211 17.88 -4.69 11.12
C GLU A 211 17.55 -3.41 10.35
N PHE A 212 16.34 -3.32 9.80
CA PHE A 212 15.93 -2.13 9.06
C PHE A 212 15.89 -0.97 10.06
N ARG A 213 15.30 -1.22 11.22
CA ARG A 213 15.18 -0.22 12.28
C ARG A 213 16.57 0.29 12.69
N LYS A 214 17.46 -0.66 12.96
CA LYS A 214 18.83 -0.35 13.37
C LYS A 214 19.59 0.48 12.34
N GLN A 215 19.60 0.02 11.09
CA GLN A 215 20.32 0.76 10.06
C GLN A 215 19.69 2.12 9.72
N LEU A 216 18.36 2.21 9.77
CA LEU A 216 17.71 3.48 9.46
C LEU A 216 18.09 4.51 10.52
N ASP A 217 18.08 4.10 11.78
CA ASP A 217 18.42 5.02 12.87
C ASP A 217 19.90 5.38 12.83
N ALA A 218 20.74 4.43 12.44
CA ALA A 218 22.18 4.67 12.37
C ALA A 218 22.43 5.77 11.34
N TYR A 219 21.79 5.66 10.18
CA TYR A 219 21.93 6.65 9.13
C TYR A 219 21.31 7.97 9.54
N GLY A 220 20.14 7.92 10.16
CA GLY A 220 19.46 9.12 10.59
C GLY A 220 20.27 9.93 11.60
N SER A 221 21.14 9.25 12.34
CA SER A 221 21.96 9.91 13.34
C SER A 221 23.11 10.70 12.71
N THR A 222 23.51 10.28 11.52
CA THR A 222 24.61 10.96 10.82
C THR A 222 24.17 12.26 10.17
N ASN A 223 22.89 12.38 9.86
CA ASN A 223 22.36 13.59 9.24
C ASN A 223 21.22 14.21 10.04
N ASN A 224 21.16 13.89 11.33
CA ASN A 224 20.14 14.41 12.21
C ASN A 224 18.75 14.31 11.60
N LYS A 225 18.33 13.09 11.26
CA LYS A 225 17.03 12.86 10.66
C LYS A 225 16.38 11.61 11.27
N LYS A 226 15.04 11.57 11.29
CA LYS A 226 14.31 10.44 11.85
C LYS A 226 13.46 9.69 10.82
N TYR A 227 14.00 8.61 10.29
CA TYR A 227 13.31 7.80 9.29
C TYR A 227 12.31 6.85 9.93
N VAL A 228 11.25 6.52 9.19
CA VAL A 228 10.23 5.62 9.71
C VAL A 228 10.17 4.32 8.92
N LEU A 229 9.68 3.29 9.59
CA LEU A 229 9.54 1.97 8.99
C LEU A 229 8.11 1.48 9.18
N SER A 230 7.48 1.06 8.10
CA SER A 230 6.11 0.58 8.18
C SER A 230 6.00 -0.73 7.43
N ALA A 231 4.81 -1.33 7.47
CA ALA A 231 4.59 -2.59 6.78
C ALA A 231 3.11 -2.77 6.51
N PHE A 232 2.81 -3.59 5.51
CA PHE A 232 1.44 -3.88 5.11
C PHE A 232 1.09 -5.13 5.94
N LEU A 233 0.17 -4.96 6.89
CA LEU A 233 -0.27 -6.03 7.79
C LEU A 233 -1.42 -6.86 7.22
N PRO A 234 -1.30 -8.20 7.27
CA PRO A 234 -2.35 -9.09 6.75
C PRO A 234 -3.65 -9.13 7.53
N ALA A 235 -4.73 -9.50 6.83
CA ALA A 235 -6.06 -9.59 7.44
C ALA A 235 -6.39 -11.03 7.84
N ASN A 236 -5.83 -11.99 7.13
CA ASN A 236 -6.07 -13.41 7.40
C ASN A 236 -5.33 -13.80 8.68
N PRO A 237 -6.08 -14.20 9.73
CA PRO A 237 -5.44 -14.59 10.99
C PRO A 237 -4.35 -15.64 10.80
N ALA A 238 -4.51 -16.50 9.80
CA ALA A 238 -3.52 -17.54 9.53
C ALA A 238 -2.21 -16.88 9.10
N ASP A 239 -2.31 -15.84 8.28
CA ASP A 239 -1.12 -15.14 7.81
C ASP A 239 -0.52 -14.37 8.99
N ILE A 240 -1.38 -13.79 9.81
CA ILE A 240 -0.91 -13.04 10.97
C ILE A 240 -0.04 -13.93 11.85
N ASP A 241 -0.53 -15.13 12.17
CA ASP A 241 0.23 -16.05 13.03
C ASP A 241 1.50 -16.54 12.35
N ALA A 242 1.39 -16.93 11.09
CA ALA A 242 2.53 -17.43 10.34
C ALA A 242 3.72 -16.50 10.29
N GLY A 243 3.47 -15.20 10.14
CA GLY A 243 4.57 -14.25 10.09
C GLY A 243 4.89 -13.51 11.37
N GLY A 244 4.12 -13.78 12.42
CA GLY A 244 4.37 -13.11 13.69
C GLY A 244 4.04 -11.63 13.57
N TRP A 245 3.09 -11.30 12.71
CA TRP A 245 2.68 -9.92 12.49
C TRP A 245 2.07 -9.28 13.74
N ASP A 246 1.57 -10.10 14.64
CA ASP A 246 0.96 -9.58 15.87
C ASP A 246 1.88 -9.74 17.08
N ASP A 247 3.19 -9.83 16.81
CA ASP A 247 4.18 -9.98 17.86
C ASP A 247 4.53 -8.54 18.26
N PRO A 248 4.22 -8.15 19.52
CA PRO A 248 4.51 -6.79 19.98
C PRO A 248 5.95 -6.36 19.73
N ALA A 249 6.88 -7.32 19.78
CA ALA A 249 8.30 -7.03 19.56
C ALA A 249 8.54 -6.39 18.20
N ASN A 250 7.76 -6.80 17.22
CA ASN A 250 7.91 -6.25 15.88
C ASN A 250 7.53 -4.79 15.82
N PHE A 251 6.74 -4.33 16.79
CA PHE A 251 6.33 -2.93 16.80
C PHE A 251 7.29 -2.02 17.57
N LYS A 252 8.48 -2.57 17.82
CA LYS A 252 9.53 -1.84 18.51
C LYS A 252 10.42 -1.48 17.31
N SER A 253 10.21 -2.21 16.22
CA SER A 253 10.97 -2.01 14.97
C SER A 253 10.14 -1.14 14.05
N LEU A 254 8.89 -1.54 13.84
CA LEU A 254 7.99 -0.79 12.97
C LEU A 254 7.44 0.43 13.71
N ASP A 255 7.32 1.55 13.01
CA ASP A 255 6.79 2.75 13.62
C ASP A 255 5.27 2.55 13.58
N PHE A 256 4.80 1.95 12.49
CA PHE A 256 3.38 1.68 12.31
C PHE A 256 3.16 0.70 11.16
N GLY A 257 1.92 0.24 11.01
CA GLY A 257 1.59 -0.70 9.95
C GLY A 257 0.16 -0.46 9.53
N SER A 258 -0.16 -0.62 8.25
CA SER A 258 -1.52 -0.43 7.76
C SER A 258 -2.10 -1.81 7.47
N ILE A 259 -3.25 -2.08 8.08
CA ILE A 259 -3.93 -3.36 7.93
C ILE A 259 -4.75 -3.56 6.66
N GLN A 260 -4.55 -4.72 6.05
CA GLN A 260 -5.26 -5.09 4.84
C GLN A 260 -6.75 -5.09 5.17
N GLY A 261 -7.53 -4.29 4.46
CA GLY A 261 -8.97 -4.24 4.71
C GLY A 261 -9.71 -4.47 3.42
N TYR A 262 -9.00 -5.01 2.43
CA TYR A 262 -9.57 -5.29 1.12
C TYR A 262 -9.05 -6.61 0.57
N ASP A 263 -9.50 -7.00 -0.61
CA ASP A 263 -9.10 -8.26 -1.24
C ASP A 263 -9.45 -9.44 -0.33
N LEU A 264 -10.51 -9.29 0.46
CA LEU A 264 -10.94 -10.35 1.37
C LEU A 264 -11.74 -11.44 0.65
N HIS A 265 -12.09 -11.15 -0.60
CA HIS A 265 -12.84 -12.04 -1.48
C HIS A 265 -12.69 -11.42 -2.85
N GLY A 266 -12.87 -12.21 -3.91
CA GLY A 266 -12.73 -11.66 -5.24
C GLY A 266 -13.09 -12.67 -6.32
N ALA A 267 -13.03 -12.23 -7.57
CA ALA A 267 -13.35 -13.07 -8.71
C ALA A 267 -12.52 -14.32 -8.89
N TRP A 268 -11.51 -14.51 -8.03
CA TRP A 268 -10.68 -15.71 -8.14
C TRP A 268 -11.63 -16.89 -7.86
N ASN A 269 -12.81 -16.54 -7.36
CA ASN A 269 -13.88 -17.50 -7.05
C ASN A 269 -14.91 -16.87 -7.96
N PRO A 270 -14.88 -17.24 -9.25
CA PRO A 270 -15.79 -16.71 -10.27
C PRO A 270 -17.28 -16.98 -10.19
N THR A 271 -17.70 -17.93 -9.36
CA THR A 271 -19.12 -18.25 -9.25
C THR A 271 -19.83 -17.79 -7.98
N LEU A 272 -19.13 -17.05 -7.11
CA LEU A 272 -19.75 -16.57 -5.87
C LEU A 272 -19.41 -15.11 -5.60
N THR A 273 -20.42 -14.24 -5.64
CA THR A 273 -20.17 -12.82 -5.37
C THR A 273 -19.99 -12.68 -3.87
N GLY A 274 -19.39 -11.57 -3.45
CA GLY A 274 -19.18 -11.37 -2.03
C GLY A 274 -18.39 -10.12 -1.72
N HIS A 275 -18.31 -9.78 -0.44
CA HIS A 275 -17.58 -8.59 0.00
C HIS A 275 -16.08 -8.76 0.02
N GLN A 276 -15.37 -7.81 -0.58
CA GLN A 276 -13.91 -7.85 -0.61
C GLN A 276 -13.35 -6.93 0.46
N ALA A 277 -14.21 -6.08 1.03
CA ALA A 277 -13.75 -5.15 2.06
C ALA A 277 -14.77 -4.88 3.17
N ASN A 278 -15.40 -5.93 3.67
CA ASN A 278 -16.38 -5.76 4.73
C ASN A 278 -15.74 -5.41 6.07
N LEU A 279 -16.27 -4.39 6.73
CA LEU A 279 -15.73 -3.98 8.02
C LEU A 279 -15.99 -5.07 9.07
N TYR A 280 -17.21 -5.60 9.08
CA TYR A 280 -17.57 -6.64 10.05
C TYR A 280 -17.86 -8.02 9.47
N ASP A 281 -17.77 -9.03 10.33
CA ASP A 281 -18.04 -10.40 9.90
C ASP A 281 -19.45 -10.43 9.34
N ASP A 282 -19.66 -11.19 8.28
CA ASP A 282 -20.97 -11.29 7.65
C ASP A 282 -21.62 -12.64 7.91
N PRO A 283 -22.73 -12.65 8.69
CA PRO A 283 -23.45 -13.89 9.01
C PRO A 283 -24.00 -14.61 7.78
N ALA A 284 -24.12 -13.87 6.67
CA ALA A 284 -24.64 -14.45 5.43
C ALA A 284 -23.59 -15.16 4.57
N ASP A 285 -22.31 -14.98 4.91
CA ASP A 285 -21.23 -15.60 4.16
C ASP A 285 -21.37 -17.11 4.33
N PRO A 286 -21.56 -17.85 3.22
CA PRO A 286 -21.72 -19.31 3.26
C PRO A 286 -20.47 -20.17 3.17
N ARG A 287 -19.31 -19.53 3.05
CA ARG A 287 -18.07 -20.30 2.94
C ARG A 287 -17.49 -20.86 4.24
N ALA A 288 -16.49 -21.72 4.09
CA ALA A 288 -15.83 -22.35 5.22
C ALA A 288 -15.24 -21.27 6.12
N PRO A 289 -15.27 -21.48 7.44
CA PRO A 289 -14.74 -20.52 8.41
C PRO A 289 -13.33 -20.01 8.14
N SER A 290 -12.45 -20.89 7.66
CA SER A 290 -11.07 -20.48 7.38
C SER A 290 -10.93 -19.49 6.22
N LYS A 291 -12.02 -19.27 5.48
CA LYS A 291 -11.97 -18.34 4.36
C LYS A 291 -12.76 -17.05 4.60
N LYS A 292 -13.45 -16.97 5.72
CA LYS A 292 -14.24 -15.77 6.04
C LYS A 292 -13.45 -14.73 6.83
N PHE A 293 -13.28 -13.56 6.23
CA PHE A 293 -12.54 -12.47 6.88
C PHE A 293 -13.36 -11.19 6.98
N SER A 294 -12.80 -10.22 7.69
CA SER A 294 -13.42 -8.90 7.89
C SER A 294 -12.32 -8.02 8.43
N ALA A 295 -12.42 -6.71 8.20
CA ALA A 295 -11.41 -5.79 8.69
C ALA A 295 -11.38 -5.85 10.21
N ASP A 296 -12.58 -5.89 10.81
CA ASP A 296 -12.72 -5.94 12.27
C ASP A 296 -12.01 -7.14 12.88
N LYS A 297 -12.17 -8.31 12.26
CA LYS A 297 -11.53 -9.52 12.77
C LYS A 297 -10.01 -9.34 12.83
N ALA A 298 -9.45 -8.73 11.79
CA ALA A 298 -8.01 -8.49 11.73
C ALA A 298 -7.57 -7.47 12.78
N VAL A 299 -8.27 -6.34 12.82
CA VAL A 299 -7.94 -5.28 13.79
C VAL A 299 -7.93 -5.81 15.21
N LYS A 300 -8.95 -6.58 15.56
CA LYS A 300 -9.04 -7.12 16.91
C LYS A 300 -7.90 -8.08 17.26
N LYS A 301 -7.39 -8.80 16.27
CA LYS A 301 -6.30 -9.73 16.54
C LYS A 301 -5.05 -8.95 16.90
N TYR A 302 -4.79 -7.85 16.21
CA TYR A 302 -3.61 -7.05 16.51
C TYR A 302 -3.77 -6.38 17.87
N LEU A 303 -4.96 -5.87 18.15
CA LEU A 303 -5.21 -5.21 19.43
C LEU A 303 -5.14 -6.20 20.59
N ALA A 304 -5.60 -7.43 20.37
CA ALA A 304 -5.57 -8.46 21.40
C ALA A 304 -4.14 -8.79 21.83
N ALA A 305 -3.19 -8.60 20.90
CA ALA A 305 -1.79 -8.88 21.16
C ALA A 305 -1.11 -7.80 22.01
N GLY A 306 -1.80 -6.70 22.25
CA GLY A 306 -1.23 -5.63 23.04
C GLY A 306 -0.48 -4.60 22.22
N ILE A 307 -0.68 -4.64 20.91
CA ILE A 307 -0.01 -3.68 20.03
C ILE A 307 -0.68 -2.33 20.22
N ASP A 308 0.13 -1.28 20.39
CA ASP A 308 -0.36 0.08 20.58
C ASP A 308 -1.21 0.45 19.36
N PRO A 309 -2.49 0.79 19.58
CA PRO A 309 -3.36 1.16 18.45
C PRO A 309 -2.88 2.33 17.60
N LYS A 310 -2.08 3.25 18.17
CA LYS A 310 -1.60 4.37 17.38
C LYS A 310 -0.60 3.92 16.32
N GLN A 311 -0.11 2.68 16.44
CA GLN A 311 0.85 2.14 15.49
C GLN A 311 0.15 1.31 14.42
N LEU A 312 -1.18 1.41 14.39
CA LEU A 312 -1.97 0.66 13.42
C LEU A 312 -2.82 1.60 12.57
N GLY A 313 -3.21 1.10 11.40
CA GLY A 313 -4.03 1.87 10.49
C GLY A 313 -4.89 0.88 9.75
N LEU A 314 -6.00 1.33 9.16
CA LEU A 314 -6.87 0.43 8.42
C LEU A 314 -6.94 0.82 6.95
N GLY A 315 -6.68 -0.14 6.07
CA GLY A 315 -6.72 0.13 4.64
C GLY A 315 -8.09 -0.05 4.00
N LEU A 316 -8.41 0.82 3.06
CA LEU A 316 -9.67 0.80 2.32
C LEU A 316 -9.35 0.71 0.84
N ALA A 317 -10.34 0.33 0.04
CA ALA A 317 -10.16 0.20 -1.40
C ALA A 317 -10.75 1.32 -2.25
N ALA A 318 -9.97 1.76 -3.24
CA ALA A 318 -10.42 2.83 -4.14
C ALA A 318 -10.78 2.14 -5.46
N TYR A 319 -11.13 0.85 -5.35
CA TYR A 319 -11.49 0.04 -6.51
C TYR A 319 -12.46 -1.04 -6.04
N GLY A 320 -13.06 -1.72 -7.00
CA GLY A 320 -13.99 -2.78 -6.66
C GLY A 320 -13.60 -4.04 -7.40
N ARG A 321 -14.11 -5.17 -6.94
CA ARG A 321 -13.83 -6.45 -7.57
C ARG A 321 -15.19 -6.87 -8.08
N GLY A 322 -15.26 -7.32 -9.34
CA GLY A 322 -16.57 -7.69 -9.84
C GLY A 322 -16.75 -8.99 -10.58
N TRP A 323 -18.02 -9.39 -10.63
CA TRP A 323 -18.46 -10.61 -11.27
C TRP A 323 -19.52 -10.26 -12.30
N THR A 324 -19.66 -11.10 -13.32
CA THR A 324 -20.67 -10.87 -14.34
C THR A 324 -21.58 -12.09 -14.26
N GLY A 325 -22.78 -11.97 -14.79
CA GLY A 325 -23.71 -13.09 -14.74
C GLY A 325 -24.20 -13.28 -13.31
N ALA A 326 -24.15 -12.21 -12.52
CA ALA A 326 -24.59 -12.25 -11.12
C ALA A 326 -26.11 -12.23 -11.10
N LYS A 327 -26.70 -13.35 -10.67
CA LYS A 327 -28.15 -13.48 -10.61
C LYS A 327 -28.90 -12.62 -9.59
N ASN A 328 -28.32 -12.45 -8.41
CA ASN A 328 -28.93 -11.67 -7.33
C ASN A 328 -28.26 -10.35 -6.95
N VAL A 329 -29.04 -9.49 -6.31
CA VAL A 329 -28.50 -8.21 -5.87
C VAL A 329 -27.84 -8.44 -4.50
N SER A 330 -28.33 -9.42 -3.76
CA SER A 330 -27.75 -9.71 -2.44
C SER A 330 -26.39 -10.40 -2.56
N PRO A 331 -25.45 -10.07 -1.67
CA PRO A 331 -24.13 -10.71 -1.74
C PRO A 331 -24.17 -12.22 -1.52
N TRP A 332 -23.07 -12.87 -1.88
CA TRP A 332 -22.93 -14.32 -1.73
C TRP A 332 -23.91 -15.08 -2.61
N GLY A 333 -24.10 -14.58 -3.82
CA GLY A 333 -25.01 -15.20 -4.77
C GLY A 333 -24.23 -15.75 -5.95
N PRO A 334 -24.88 -16.54 -6.82
CA PRO A 334 -24.20 -17.10 -7.98
C PRO A 334 -23.84 -16.11 -9.08
N ALA A 335 -22.75 -16.40 -9.78
CA ALA A 335 -22.25 -15.57 -10.88
C ALA A 335 -21.59 -16.56 -11.84
N THR A 336 -21.24 -16.10 -13.04
CA THR A 336 -20.60 -16.97 -14.01
C THR A 336 -19.12 -16.74 -14.23
N ASP A 337 -18.65 -15.51 -14.02
CA ASP A 337 -17.23 -15.24 -14.22
C ASP A 337 -16.87 -13.84 -13.74
N GLY A 338 -15.58 -13.50 -13.86
CA GLY A 338 -15.14 -12.19 -13.44
C GLY A 338 -15.69 -11.19 -14.44
N ALA A 339 -15.99 -9.98 -14.00
CA ALA A 339 -16.53 -8.97 -14.90
C ALA A 339 -15.45 -8.20 -15.66
N PRO A 340 -15.81 -7.63 -16.82
CA PRO A 340 -14.83 -6.87 -17.59
C PRO A 340 -14.39 -5.65 -16.79
N GLY A 341 -13.13 -5.26 -16.96
CA GLY A 341 -12.62 -4.11 -16.25
C GLY A 341 -12.02 -3.15 -17.26
N THR A 342 -11.87 -1.88 -16.89
CA THR A 342 -11.31 -0.90 -17.82
C THR A 342 -9.83 -1.16 -18.07
N TYR A 343 -9.08 -1.45 -17.01
CA TYR A 343 -7.65 -1.71 -17.11
C TYR A 343 -7.23 -3.13 -16.74
N GLU A 344 -7.97 -3.74 -15.83
CA GLU A 344 -7.68 -5.09 -15.38
C GLU A 344 -8.97 -5.86 -15.21
N THR A 345 -8.97 -7.13 -15.62
CA THR A 345 -10.15 -7.96 -15.52
C THR A 345 -10.66 -8.11 -14.08
N ALA A 346 -11.97 -8.02 -13.91
CA ALA A 346 -12.62 -8.14 -12.60
C ALA A 346 -12.19 -7.13 -11.56
N ASN A 347 -11.67 -5.99 -12.02
CA ASN A 347 -11.21 -4.93 -11.14
C ASN A 347 -11.63 -3.62 -11.82
N GLU A 348 -12.15 -2.68 -11.05
CA GLU A 348 -12.57 -1.41 -11.63
C GLU A 348 -12.40 -0.28 -10.63
N ASP A 349 -12.03 0.90 -11.13
CA ASP A 349 -11.82 2.05 -10.25
C ASP A 349 -13.11 2.60 -9.66
N TYR A 350 -12.99 3.18 -8.47
CA TYR A 350 -14.12 3.76 -7.78
C TYR A 350 -14.73 4.84 -8.68
N ASP A 351 -13.89 5.59 -9.38
CA ASP A 351 -14.39 6.64 -10.26
C ASP A 351 -15.37 6.18 -11.31
N LYS A 352 -15.27 4.92 -11.73
CA LYS A 352 -16.19 4.41 -12.72
C LYS A 352 -17.35 3.71 -12.05
N LEU A 353 -17.06 2.99 -10.97
CA LEU A 353 -18.11 2.27 -10.25
C LEU A 353 -19.13 3.17 -9.56
N LYS A 354 -18.76 4.39 -9.21
CA LYS A 354 -19.68 5.29 -8.54
C LYS A 354 -20.93 5.65 -9.34
N THR A 355 -20.96 5.29 -10.62
CA THR A 355 -22.12 5.58 -11.47
C THR A 355 -22.59 4.31 -12.19
N LEU A 356 -22.10 3.16 -11.77
CA LEU A 356 -22.49 1.91 -12.40
C LEU A 356 -23.71 1.28 -11.74
N GLY A 357 -24.79 1.15 -12.50
CA GLY A 357 -26.01 0.57 -11.96
C GLY A 357 -26.47 1.29 -10.71
N THR A 358 -26.96 0.52 -9.75
CA THR A 358 -27.44 1.10 -8.49
C THR A 358 -26.50 0.78 -7.34
N ASP A 359 -26.33 1.75 -6.46
CA ASP A 359 -25.45 1.63 -5.29
C ASP A 359 -26.17 0.92 -4.13
N HIS A 360 -25.40 0.19 -3.33
CA HIS A 360 -25.93 -0.54 -2.19
C HIS A 360 -24.98 -0.40 -1.01
N TYR A 361 -25.54 -0.16 0.16
CA TYR A 361 -24.75 0.00 1.38
C TYR A 361 -25.38 -0.76 2.54
N ASP A 362 -24.57 -1.56 3.22
CA ASP A 362 -25.05 -2.34 4.35
C ASP A 362 -24.25 -1.94 5.59
N ALA A 363 -24.85 -1.13 6.45
CA ALA A 363 -24.17 -0.68 7.65
C ALA A 363 -23.88 -1.81 8.64
N ALA A 364 -24.67 -2.87 8.60
CA ALA A 364 -24.46 -3.99 9.51
C ALA A 364 -23.11 -4.68 9.29
N THR A 365 -22.68 -4.77 8.03
CA THR A 365 -21.41 -5.40 7.71
C THR A 365 -20.36 -4.36 7.30
N GLY A 366 -20.77 -3.12 7.14
CA GLY A 366 -19.85 -2.07 6.74
C GLY A 366 -19.32 -2.37 5.35
N SER A 367 -20.24 -2.61 4.43
CA SER A 367 -19.88 -2.92 3.05
C SER A 367 -20.75 -2.19 2.04
N ALA A 368 -20.27 -2.15 0.80
CA ALA A 368 -20.99 -1.48 -0.27
C ALA A 368 -20.76 -2.23 -1.57
N TRP A 369 -21.66 -2.06 -2.53
CA TRP A 369 -21.53 -2.73 -3.81
C TRP A 369 -22.41 -2.11 -4.87
N ARG A 370 -22.10 -2.38 -6.13
CA ARG A 370 -22.88 -1.85 -7.23
C ARG A 370 -23.53 -3.06 -7.89
N TYR A 371 -24.70 -2.86 -8.48
CA TYR A 371 -25.39 -3.95 -9.16
C TYR A 371 -26.19 -3.34 -10.29
N ASP A 372 -26.07 -3.93 -11.49
CA ASP A 372 -26.81 -3.40 -12.64
C ASP A 372 -27.63 -4.51 -13.30
N GLY A 373 -27.86 -5.59 -12.56
CA GLY A 373 -28.64 -6.70 -13.08
C GLY A 373 -27.81 -7.82 -13.68
N THR A 374 -26.56 -7.51 -14.05
CA THR A 374 -25.66 -8.48 -14.65
C THR A 374 -24.33 -8.49 -13.91
N GLN A 375 -23.77 -7.30 -13.71
CA GLN A 375 -22.49 -7.17 -13.01
C GLN A 375 -22.72 -6.79 -11.55
N TRP A 376 -21.90 -7.37 -10.67
CA TRP A 376 -21.99 -7.12 -9.23
C TRP A 376 -20.56 -6.74 -8.81
N TRP A 377 -20.41 -5.55 -8.22
CA TRP A 377 -19.09 -5.08 -7.78
C TRP A 377 -18.98 -4.75 -6.31
N SER A 378 -17.96 -5.30 -5.63
CA SER A 378 -17.75 -5.05 -4.20
C SER A 378 -16.71 -3.93 -4.11
N TYR A 379 -17.07 -2.80 -3.49
CA TYR A 379 -16.14 -1.68 -3.37
C TYR A 379 -16.46 -0.83 -2.14
N ASP A 380 -15.69 0.25 -1.97
CA ASP A 380 -15.89 1.15 -0.84
C ASP A 380 -16.47 2.44 -1.42
N ASN A 381 -17.41 3.05 -0.71
CA ASN A 381 -18.00 4.30 -1.20
C ASN A 381 -17.94 5.33 -0.07
N ILE A 382 -18.59 6.47 -0.26
CA ILE A 382 -18.54 7.48 0.79
C ILE A 382 -19.10 6.96 2.11
N ALA A 383 -20.21 6.21 2.03
CA ALA A 383 -20.83 5.65 3.22
C ALA A 383 -19.92 4.71 4.00
N THR A 384 -19.27 3.76 3.32
CA THR A 384 -18.38 2.85 4.05
C THR A 384 -17.14 3.57 4.52
N THR A 385 -16.70 4.57 3.78
CA THR A 385 -15.50 5.31 4.17
C THR A 385 -15.78 6.08 5.45
N LYS A 386 -16.97 6.68 5.55
CA LYS A 386 -17.32 7.43 6.74
C LYS A 386 -17.47 6.47 7.92
N GLN A 387 -18.11 5.33 7.70
CA GLN A 387 -18.30 4.36 8.77
C GLN A 387 -16.97 3.77 9.23
N LYS A 388 -16.09 3.47 8.28
CA LYS A 388 -14.80 2.90 8.63
C LYS A 388 -13.89 3.93 9.31
N THR A 389 -14.06 5.20 8.98
CA THR A 389 -13.23 6.22 9.61
C THR A 389 -13.73 6.38 11.04
N ASP A 390 -15.05 6.29 11.23
CA ASP A 390 -15.62 6.42 12.57
C ASP A 390 -15.06 5.27 13.39
N TYR A 391 -14.89 4.12 12.74
CA TYR A 391 -14.36 2.92 13.37
C TYR A 391 -12.89 3.14 13.76
N ILE A 392 -12.13 3.74 12.85
CA ILE A 392 -10.72 4.00 13.14
C ILE A 392 -10.64 4.86 14.39
N VAL A 393 -11.48 5.89 14.45
CA VAL A 393 -11.50 6.79 15.60
C VAL A 393 -11.96 6.07 16.87
N SER A 394 -13.09 5.38 16.78
CA SER A 394 -13.64 4.66 17.92
C SER A 394 -12.76 3.55 18.50
N LYS A 395 -11.91 2.95 17.67
CA LYS A 395 -11.02 1.87 18.12
C LYS A 395 -9.69 2.45 18.58
N GLY A 396 -9.50 3.76 18.38
CA GLY A 396 -8.26 4.40 18.77
C GLY A 396 -7.08 4.16 17.85
N LEU A 397 -7.35 3.73 16.63
CA LEU A 397 -6.29 3.47 15.66
C LEU A 397 -5.59 4.76 15.21
N GLY A 398 -4.40 4.59 14.65
CA GLY A 398 -3.63 5.73 14.19
C GLY A 398 -4.04 6.38 12.88
N GLY A 399 -4.82 5.67 12.07
CA GLY A 399 -5.23 6.28 10.81
C GLY A 399 -5.75 5.30 9.77
N GLY A 400 -5.83 5.79 8.53
CA GLY A 400 -6.30 4.97 7.43
C GLY A 400 -5.28 4.83 6.33
N MET A 401 -5.60 4.00 5.35
CA MET A 401 -4.71 3.77 4.21
C MET A 401 -5.55 3.48 2.98
N TRP A 402 -5.00 3.77 1.81
CA TRP A 402 -5.70 3.56 0.56
C TRP A 402 -4.96 2.84 -0.56
N TRP A 403 -5.64 1.90 -1.20
CA TRP A 403 -5.04 1.17 -2.32
C TRP A 403 -6.08 1.25 -3.42
N GLU A 404 -5.81 2.00 -4.49
CA GLU A 404 -4.58 2.78 -4.67
C GLU A 404 -5.10 4.11 -5.21
N LEU A 405 -4.30 5.16 -5.07
CA LEU A 405 -4.68 6.49 -5.52
C LEU A 405 -5.28 6.75 -6.89
N SER A 406 -4.93 5.98 -7.91
CA SER A 406 -5.50 6.23 -9.24
C SER A 406 -6.99 5.89 -9.35
N GLY A 407 -7.54 5.21 -8.35
CA GLY A 407 -8.96 4.86 -8.43
C GLY A 407 -9.92 5.92 -7.93
N ASP A 408 -9.40 6.92 -7.23
CA ASP A 408 -10.21 8.02 -6.67
C ASP A 408 -9.43 9.31 -6.98
N ARG A 409 -9.40 9.67 -8.25
CA ARG A 409 -8.70 10.85 -8.73
C ARG A 409 -9.12 12.21 -8.21
N ASN A 410 -10.34 12.33 -7.69
CA ASN A 410 -10.80 13.61 -7.16
C ASN A 410 -10.69 13.58 -5.64
N GLY A 411 -10.16 12.47 -5.13
CA GLY A 411 -9.99 12.32 -3.69
C GLY A 411 -11.29 12.41 -2.91
N GLU A 412 -12.35 11.85 -3.47
CA GLU A 412 -13.67 11.85 -2.83
C GLU A 412 -13.69 10.97 -1.58
N LEU A 413 -13.07 9.80 -1.68
CA LEU A 413 -13.03 8.88 -0.54
C LEU A 413 -11.92 9.32 0.41
N VAL A 414 -10.76 9.64 -0.15
CA VAL A 414 -9.65 10.10 0.69
C VAL A 414 -10.09 11.33 1.47
N GLY A 415 -10.85 12.19 0.80
CA GLY A 415 -11.34 13.42 1.41
C GLY A 415 -12.40 13.18 2.48
N ALA A 416 -13.28 12.21 2.24
CA ALA A 416 -14.33 11.92 3.20
C ALA A 416 -13.65 11.48 4.50
N MET A 417 -12.59 10.70 4.37
CA MET A 417 -11.85 10.22 5.52
C MET A 417 -11.14 11.35 6.26
N SER A 418 -10.41 12.18 5.51
N SER A 418 -10.41 12.18 5.51
CA SER A 418 -9.69 13.29 6.11
CA SER A 418 -9.69 13.29 6.11
C SER A 418 -10.64 14.29 6.77
C SER A 418 -10.64 14.29 6.77
N ASP A 419 -11.81 14.49 6.16
CA ASP A 419 -12.79 15.42 6.71
C ASP A 419 -13.23 14.92 8.08
N LYS A 420 -13.39 13.60 8.18
CA LYS A 420 -13.79 12.97 9.43
C LYS A 420 -12.68 13.16 10.46
N PHE A 421 -11.44 12.97 10.04
CA PHE A 421 -10.31 13.13 10.94
C PHE A 421 -10.22 14.55 11.50
N ARG A 422 -10.41 15.55 10.64
CA ARG A 422 -10.34 16.93 11.10
C ARG A 422 -11.47 17.32 12.05
N ALA A 423 -12.61 16.65 11.92
CA ALA A 423 -13.77 16.93 12.77
C ALA A 423 -13.77 16.14 14.07
N ALA A 424 -12.97 15.09 14.11
CA ALA A 424 -12.88 14.23 15.30
C ALA A 424 -11.96 14.78 16.38
N ALA A 425 -11.92 14.09 17.51
CA ALA A 425 -11.07 14.50 18.61
C ALA A 425 -9.65 14.28 18.10
N PRO A 426 -8.67 15.04 18.62
CA PRO A 426 -7.28 14.87 18.16
C PRO A 426 -6.83 13.41 18.17
N GLY A 427 -6.19 13.00 17.08
CA GLY A 427 -5.69 11.64 16.96
C GLY A 427 -4.50 11.37 17.86
N PRO A 428 -4.08 10.10 17.98
CA PRO A 428 -2.95 9.69 18.82
C PRO A 428 -1.55 9.76 18.20
N VAL A 429 -1.47 10.01 16.90
CA VAL A 429 -0.18 10.09 16.20
C VAL A 429 0.54 11.43 16.32
N THR A 430 1.80 11.38 16.72
CA THR A 430 2.63 12.58 16.88
C THR A 430 3.86 12.52 15.99
N GLU A 431 3.85 11.59 15.03
CA GLU A 431 4.96 11.40 14.09
C GLU A 431 5.38 12.73 13.47
N ALA A 432 6.67 13.06 13.60
CA ALA A 432 7.20 14.30 13.05
C ALA A 432 7.22 14.34 11.53
N ALA A 433 6.96 15.51 10.98
CA ALA A 433 6.95 15.71 9.53
C ALA A 433 8.38 15.82 9.02
N PRO A 434 8.59 15.71 7.70
CA PRO A 434 9.94 15.80 7.14
C PRO A 434 10.55 17.17 7.42
N PRO A 435 11.89 17.23 7.55
CA PRO A 435 12.59 18.50 7.82
C PRO A 435 12.44 19.46 6.64
#